data_6GEV
#
_entry.id   6GEV
#
_cell.length_a   48.690
_cell.length_b   77.920
_cell.length_c   78.630
_cell.angle_alpha   90.00
_cell.angle_beta   90.00
_cell.angle_gamma   90.00
#
_symmetry.space_group_name_H-M   'P 21 21 21'
#
loop_
_entity.id
_entity.type
_entity.pdbx_description
1 polymer 'Mineralocorticoid receptor'
2 polymer 'Nuclear receptor coactivator 1'
3 non-polymer GLYCEROL
4 non-polymer 6-[[(3~{S})-7-fluoranyl-3-(2-methylpropyl)-2,3-dihydro-1,4-benzoxazin-4-yl]carbonyl]-4~{H}-1,4-benzoxazin-3-one
5 water water
#
loop_
_entity_poly.entity_id
_entity_poly.type
_entity_poly.pdbx_seq_one_letter_code
_entity_poly.pdbx_strand_id
1 'polypeptide(L)'
;MHNHNHNHNHNHNGGENLYFQGTPSPVMVLENIEPEIVYAGYDSSKPDTAENLLSTLNRLAGKQMIQVVKWAKVLPGFKN
LPLEDQITLIQYSWMSLLSFALSWRSYKHTNSQFLYFAPDLVFNEEKMHQSAMYELCQGMHQISLQFVRLQLTFEEYTIM
KVLLLLSTIPKDGLKSQAAFEEMRTNYIKELRKMVTKSPNNSGQSWQRFYQLTKLLDSMHDLVSDLLEFCFYTFRESHAL
KVEFPAMLVEIISDQLPKVESGNAKPLYFHRKGGSLVPRGSGGGSGGSGGPQAQQKSLLQQLLTE
;
A
2 'polypeptide(L)' PQAQQKSLLQQLLTE B
#
loop_
_chem_comp.id
_chem_comp.type
_chem_comp.name
_chem_comp.formula
EWN non-polymer 6-[[(3~{S})-7-fluoranyl-3-(2-methylpropyl)-2,3-dihydro-1,4-benzoxazin-4-yl]carbonyl]-4~{H}-1,4-benzoxazin-3-one 'C21 H21 F N2 O4'
GOL non-polymer GLYCEROL 'C3 H8 O3'
#
# COMPACT_ATOMS: atom_id res chain seq x y z
N TYR A 19 -2.68 -25.69 -2.59
CA TYR A 19 -2.73 -24.57 -1.66
C TYR A 19 -4.06 -23.83 -1.67
N PHE A 20 -4.65 -23.62 -2.86
CA PHE A 20 -5.92 -22.92 -3.00
C PHE A 20 -7.07 -23.90 -3.19
N SER A 25 -11.26 -19.97 -7.44
CA SER A 25 -10.53 -18.91 -8.15
C SER A 25 -10.13 -17.81 -7.15
N PRO A 26 -8.87 -17.85 -6.61
CA PRO A 26 -8.48 -16.84 -5.59
C PRO A 26 -8.46 -15.41 -6.10
N VAL A 27 -8.18 -15.19 -7.39
CA VAL A 27 -8.21 -13.82 -7.92
C VAL A 27 -9.66 -13.31 -7.95
N MET A 28 -10.64 -14.20 -8.22
CA MET A 28 -12.04 -13.77 -8.21
C MET A 28 -12.44 -13.42 -6.77
N VAL A 29 -11.88 -14.13 -5.77
CA VAL A 29 -12.11 -13.72 -4.38
C VAL A 29 -11.53 -12.30 -4.15
N LEU A 30 -10.28 -12.07 -4.58
CA LEU A 30 -9.66 -10.74 -4.40
C LEU A 30 -10.50 -9.61 -4.99
N GLU A 31 -11.09 -9.83 -6.17
CA GLU A 31 -11.92 -8.80 -6.80
C GLU A 31 -13.13 -8.47 -5.94
N ASN A 32 -13.70 -9.50 -5.27
CA ASN A 32 -14.91 -9.32 -4.48
C ASN A 32 -14.68 -8.82 -3.07
N ILE A 33 -13.46 -8.95 -2.55
CA ILE A 33 -13.21 -8.50 -1.18
C ILE A 33 -12.53 -7.15 -1.10
N GLU A 34 -12.31 -6.50 -2.24
CA GLU A 34 -11.67 -5.21 -2.25
C GLU A 34 -12.54 -4.18 -1.53
N PRO A 35 -11.96 -3.47 -0.54
CA PRO A 35 -12.76 -2.48 0.23
C PRO A 35 -13.36 -1.40 -0.66
N GLU A 36 -14.51 -0.90 -0.24
CA GLU A 36 -15.21 0.19 -0.92
C GLU A 36 -14.41 1.48 -0.70
N ILE A 37 -14.62 2.44 -1.58
CA ILE A 37 -13.96 3.75 -1.46
C ILE A 37 -14.45 4.46 -0.19
N VAL A 38 -13.57 5.19 0.49
CA VAL A 38 -13.92 5.97 1.67
C VAL A 38 -13.64 7.45 1.48
N TYR A 39 -14.42 8.27 2.20
CA TYR A 39 -14.25 9.72 2.12
C TYR A 39 -13.16 10.17 3.09
N ALA A 40 -12.51 11.27 2.74
CA ALA A 40 -11.44 11.83 3.59
C ALA A 40 -12.02 12.63 4.76
N GLY A 41 -13.18 13.27 4.55
CA GLY A 41 -13.77 14.18 5.52
C GLY A 41 -13.03 15.51 5.49
N TYR A 42 -12.56 15.92 4.30
CA TYR A 42 -11.82 17.16 4.05
C TYR A 42 -12.72 18.36 4.25
N ASP A 43 -12.29 19.32 5.11
CA ASP A 43 -13.07 20.52 5.41
C ASP A 43 -12.49 21.65 4.57
N SER A 44 -13.14 21.92 3.43
CA SER A 44 -12.69 22.94 2.48
C SER A 44 -12.93 24.38 2.94
N SER A 45 -13.63 24.57 4.09
CA SER A 45 -13.88 25.90 4.67
C SER A 45 -12.71 26.32 5.56
N LYS A 46 -11.91 25.32 6.04
CA LYS A 46 -10.73 25.54 6.90
C LYS A 46 -9.53 25.89 6.03
N PRO A 47 -8.53 26.68 6.52
CA PRO A 47 -7.39 27.03 5.65
C PRO A 47 -6.59 25.81 5.21
N ASP A 48 -6.12 25.83 3.94
CA ASP A 48 -5.32 24.75 3.37
C ASP A 48 -3.86 24.87 3.74
N THR A 49 -3.62 24.86 5.03
CA THR A 49 -2.27 24.89 5.57
C THR A 49 -1.78 23.44 5.41
N ALA A 50 -0.47 23.25 5.50
CA ALA A 50 0.11 21.91 5.43
C ALA A 50 -0.39 21.12 6.62
N GLU A 51 -0.53 21.75 7.80
CA GLU A 51 -1.00 21.03 9.00
C GLU A 51 -2.40 20.47 8.82
N ASN A 52 -3.34 21.26 8.23
CA ASN A 52 -4.71 20.82 7.98
C ASN A 52 -4.79 19.73 6.91
N LEU A 53 -4.01 19.90 5.81
CA LEU A 53 -4.02 18.89 4.75
C LEU A 53 -3.40 17.59 5.22
N LEU A 54 -2.25 17.65 5.91
CA LEU A 54 -1.62 16.42 6.39
C LEU A 54 -2.45 15.74 7.46
N SER A 55 -3.15 16.53 8.31
CA SER A 55 -4.04 15.91 9.32
C SER A 55 -5.19 15.18 8.64
N THR A 56 -5.70 15.76 7.54
CA THR A 56 -6.76 15.12 6.74
C THR A 56 -6.26 13.83 6.09
N LEU A 57 -5.07 13.86 5.49
CA LEU A 57 -4.50 12.63 4.91
C LEU A 57 -4.32 11.57 5.99
N ASN A 58 -3.87 11.96 7.20
CA ASN A 58 -3.68 10.98 8.26
C ASN A 58 -5.00 10.37 8.71
N ARG A 59 -6.06 11.20 8.78
N ARG A 59 -6.08 11.18 8.80
CA ARG A 59 -7.40 10.78 9.15
CA ARG A 59 -7.36 10.61 9.21
C ARG A 59 -7.87 9.73 8.13
C ARG A 59 -7.80 9.62 8.12
N LEU A 60 -7.63 10.00 6.84
CA LEU A 60 -8.02 9.11 5.73
C LEU A 60 -7.20 7.81 5.81
N ALA A 61 -5.88 7.93 6.03
CA ALA A 61 -5.02 6.75 6.13
C ALA A 61 -5.46 5.85 7.29
N GLY A 62 -5.84 6.44 8.42
CA GLY A 62 -6.31 5.63 9.53
C GLY A 62 -7.58 4.85 9.20
N LYS A 63 -8.53 5.53 8.54
CA LYS A 63 -9.80 4.90 8.14
C LYS A 63 -9.52 3.77 7.13
N GLN A 64 -8.60 4.03 6.19
CA GLN A 64 -8.24 3.00 5.21
C GLN A 64 -7.53 1.84 5.87
N MET A 65 -6.73 2.08 6.91
CA MET A 65 -6.07 0.97 7.59
C MET A 65 -7.07 0.01 8.29
N ILE A 66 -8.21 0.54 8.80
CA ILE A 66 -9.23 -0.35 9.37
C ILE A 66 -9.76 -1.25 8.23
N GLN A 67 -9.98 -0.67 7.05
CA GLN A 67 -10.40 -1.46 5.90
C GLN A 67 -9.37 -2.51 5.49
N VAL A 68 -8.07 -2.15 5.52
CA VAL A 68 -7.02 -3.09 5.18
C VAL A 68 -7.04 -4.29 6.12
N VAL A 69 -7.22 -4.05 7.42
CA VAL A 69 -7.21 -5.18 8.35
C VAL A 69 -8.40 -6.10 8.07
N LYS A 70 -9.56 -5.53 7.81
CA LYS A 70 -10.74 -6.36 7.52
C LYS A 70 -10.58 -7.16 6.23
N TRP A 71 -9.93 -6.56 5.23
CA TRP A 71 -9.63 -7.22 3.95
C TRP A 71 -8.61 -8.35 4.18
N ALA A 72 -7.53 -8.07 4.91
CA ALA A 72 -6.49 -9.09 5.16
C ALA A 72 -7.08 -10.30 5.88
N LYS A 73 -8.07 -10.10 6.79
CA LYS A 73 -8.66 -11.22 7.53
C LYS A 73 -9.32 -12.23 6.59
N VAL A 74 -9.87 -11.75 5.46
CA VAL A 74 -10.57 -12.62 4.52
C VAL A 74 -9.75 -12.89 3.27
N LEU A 75 -8.45 -12.55 3.29
CA LEU A 75 -7.57 -12.77 2.17
C LEU A 75 -7.19 -14.25 2.16
N PRO A 76 -7.44 -15.01 1.06
CA PRO A 76 -7.08 -16.45 1.09
C PRO A 76 -5.63 -16.69 1.50
N GLY A 77 -5.47 -17.51 2.52
CA GLY A 77 -4.15 -17.86 3.04
C GLY A 77 -3.68 -17.07 4.25
N PHE A 78 -4.16 -15.83 4.43
CA PHE A 78 -3.62 -14.98 5.50
C PHE A 78 -3.86 -15.54 6.91
N LYS A 79 -5.05 -16.14 7.12
CA LYS A 79 -5.45 -16.74 8.40
C LYS A 79 -4.49 -17.84 8.87
N ASN A 80 -3.76 -18.49 7.94
CA ASN A 80 -2.80 -19.55 8.25
C ASN A 80 -1.60 -18.99 9.00
N LEU A 81 -1.27 -17.69 8.78
CA LEU A 81 -0.10 -17.13 9.45
C LEU A 81 -0.43 -16.80 10.90
N PRO A 82 0.53 -16.98 11.82
CA PRO A 82 0.27 -16.66 13.22
C PRO A 82 0.00 -15.17 13.41
N LEU A 83 -0.77 -14.85 14.47
CA LEU A 83 -1.17 -13.46 14.73
C LEU A 83 -0.01 -12.48 14.75
N GLU A 84 1.12 -12.86 15.40
CA GLU A 84 2.30 -11.98 15.47
C GLU A 84 2.79 -11.64 14.04
N ASP A 85 2.79 -12.63 13.14
CA ASP A 85 3.22 -12.40 11.74
C ASP A 85 2.20 -11.56 10.97
N GLN A 86 0.89 -11.76 11.22
CA GLN A 86 -0.13 -10.95 10.55
C GLN A 86 0.08 -9.47 10.92
N ILE A 87 0.32 -9.22 12.22
CA ILE A 87 0.57 -7.85 12.72
C ILE A 87 1.84 -7.27 12.12
N THR A 88 2.92 -8.05 12.11
CA THR A 88 4.20 -7.61 11.54
C THR A 88 4.00 -7.22 10.08
N LEU A 89 3.31 -8.07 9.29
CA LEU A 89 3.14 -7.77 7.87
C LEU A 89 2.30 -6.52 7.63
N ILE A 90 1.21 -6.36 8.39
CA ILE A 90 0.38 -5.15 8.23
C ILE A 90 1.18 -3.89 8.62
N GLN A 91 1.91 -3.94 9.73
CA GLN A 91 2.70 -2.78 10.15
C GLN A 91 3.81 -2.43 9.17
N TYR A 92 4.48 -3.44 8.58
CA TYR A 92 5.57 -3.12 7.65
C TYR A 92 5.09 -2.67 6.28
N SER A 93 3.90 -3.11 5.86
CA SER A 93 3.45 -2.82 4.50
C SER A 93 2.40 -1.72 4.38
N TRP A 94 1.95 -1.13 5.49
CA TRP A 94 0.82 -0.20 5.41
C TRP A 94 0.98 0.88 4.34
N MET A 95 2.15 1.52 4.31
CA MET A 95 2.38 2.64 3.37
C MET A 95 2.40 2.14 1.94
N SER A 96 2.92 0.92 1.72
N SER A 96 2.90 0.91 1.74
CA SER A 96 2.92 0.34 0.37
CA SER A 96 2.94 0.30 0.41
C SER A 96 1.48 0.12 -0.08
C SER A 96 1.53 0.00 -0.10
N LEU A 97 0.65 -0.52 0.77
CA LEU A 97 -0.72 -0.81 0.38
C LEU A 97 -1.47 0.49 0.08
N LEU A 98 -1.34 1.48 0.96
CA LEU A 98 -2.12 2.70 0.75
C LEU A 98 -1.65 3.47 -0.47
N SER A 99 -0.32 3.50 -0.74
N SER A 99 -0.32 3.48 -0.75
CA SER A 99 0.19 4.25 -1.88
CA SER A 99 0.20 4.21 -1.91
C SER A 99 -0.19 3.56 -3.20
C SER A 99 -0.23 3.55 -3.20
N PHE A 100 -0.16 2.20 -3.23
CA PHE A 100 -0.52 1.48 -4.45
C PHE A 100 -2.02 1.68 -4.74
N ALA A 101 -2.87 1.70 -3.69
CA ALA A 101 -4.29 1.91 -3.91
C ALA A 101 -4.54 3.36 -4.35
N LEU A 102 -3.77 4.31 -3.82
CA LEU A 102 -3.89 5.72 -4.27
C LEU A 102 -3.58 5.81 -5.77
N SER A 103 -2.51 5.11 -6.21
N SER A 103 -2.51 5.12 -6.26
CA SER A 103 -2.13 5.05 -7.62
CA SER A 103 -2.23 5.15 -7.69
C SER A 103 -3.27 4.47 -8.47
C SER A 103 -3.37 4.50 -8.49
N TRP A 104 -3.95 3.41 -7.97
CA TRP A 104 -5.05 2.78 -8.67
C TRP A 104 -6.23 3.73 -8.81
N ARG A 105 -6.62 4.38 -7.70
CA ARG A 105 -7.76 5.30 -7.81
C ARG A 105 -7.43 6.45 -8.74
N SER A 106 -6.19 6.95 -8.70
CA SER A 106 -5.79 8.06 -9.57
C SER A 106 -5.92 7.66 -11.04
N TYR A 107 -5.50 6.42 -11.35
CA TYR A 107 -5.56 5.87 -12.70
C TYR A 107 -7.00 5.66 -13.13
N LYS A 108 -7.75 4.95 -12.32
CA LYS A 108 -9.15 4.63 -12.66
C LYS A 108 -10.06 5.85 -12.82
N HIS A 109 -9.99 6.76 -11.86
CA HIS A 109 -10.90 7.89 -11.81
C HIS A 109 -10.47 9.13 -12.54
N THR A 110 -9.15 9.33 -12.77
CA THR A 110 -8.68 10.54 -13.46
C THR A 110 -7.75 10.28 -14.64
N ASN A 111 -7.53 8.99 -15.01
CA ASN A 111 -6.54 8.60 -16.02
C ASN A 111 -5.14 9.12 -15.64
N SER A 112 -4.90 9.14 -14.31
CA SER A 112 -3.63 9.55 -13.69
C SER A 112 -3.30 11.02 -13.94
N GLN A 113 -4.32 11.85 -14.14
CA GLN A 113 -4.10 13.27 -14.26
C GLN A 113 -3.93 13.94 -12.89
N PHE A 114 -4.61 13.39 -11.85
CA PHE A 114 -4.57 13.95 -10.50
C PHE A 114 -4.36 12.84 -9.48
N LEU A 115 -4.06 13.20 -8.23
CA LEU A 115 -3.95 12.21 -7.16
C LEU A 115 -5.31 12.12 -6.47
N TYR A 116 -6.00 10.96 -6.67
CA TYR A 116 -7.36 10.76 -6.17
C TYR A 116 -7.31 10.15 -4.78
N PHE A 117 -7.01 11.00 -3.77
CA PHE A 117 -6.98 10.46 -2.41
C PHE A 117 -8.33 9.87 -2.00
N ALA A 118 -9.40 10.62 -2.30
CA ALA A 118 -10.75 10.21 -1.96
C ALA A 118 -11.69 11.04 -2.86
N PRO A 119 -13.00 10.69 -3.00
CA PRO A 119 -13.88 11.49 -3.88
C PRO A 119 -13.91 12.97 -3.50
N ASP A 120 -13.77 13.25 -2.19
CA ASP A 120 -13.81 14.60 -1.63
C ASP A 120 -12.42 15.22 -1.45
N LEU A 121 -11.37 14.55 -1.95
CA LEU A 121 -10.01 15.06 -1.83
C LEU A 121 -9.14 14.61 -3.01
N VAL A 122 -9.13 15.45 -4.05
CA VAL A 122 -8.39 15.19 -5.28
C VAL A 122 -7.33 16.27 -5.40
N PHE A 123 -6.05 15.88 -5.45
CA PHE A 123 -4.97 16.88 -5.49
C PHE A 123 -4.64 17.32 -6.88
N ASN A 124 -4.50 18.64 -7.00
CA ASN A 124 -4.01 19.35 -8.19
C ASN A 124 -2.63 19.87 -7.76
N GLU A 125 -1.96 20.65 -8.63
CA GLU A 125 -0.66 21.25 -8.30
C GLU A 125 -0.75 22.07 -7.03
N GLU A 126 -1.83 22.87 -6.88
CA GLU A 126 -2.04 23.70 -5.69
C GLU A 126 -1.96 22.86 -4.40
N LYS A 127 -2.72 21.78 -4.31
CA LYS A 127 -2.70 20.95 -3.08
C LYS A 127 -1.39 20.22 -2.87
N MET A 128 -0.74 19.80 -3.96
CA MET A 128 0.58 19.18 -3.85
C MET A 128 1.56 20.13 -3.17
N HIS A 129 1.54 21.43 -3.56
CA HIS A 129 2.40 22.41 -2.90
C HIS A 129 1.96 22.65 -1.47
N GLN A 130 0.64 22.84 -1.26
CA GLN A 130 0.10 23.20 0.07
C GLN A 130 0.37 22.12 1.10
N SER A 131 0.43 20.85 0.67
CA SER A 131 0.64 19.71 1.57
C SER A 131 2.03 19.65 2.19
N ALA A 132 2.98 20.41 1.64
CA ALA A 132 4.41 20.41 2.00
C ALA A 132 5.06 19.06 1.60
N MET A 133 4.42 18.35 0.67
CA MET A 133 4.90 17.06 0.15
C MET A 133 4.97 17.07 -1.37
N TYR A 134 5.24 18.24 -1.97
CA TYR A 134 5.22 18.35 -3.43
C TYR A 134 6.04 17.29 -4.16
N GLU A 135 7.34 17.15 -3.83
CA GLU A 135 8.19 16.16 -4.52
C GLU A 135 7.73 14.73 -4.29
N LEU A 136 7.25 14.42 -3.07
CA LEU A 136 6.71 13.08 -2.82
C LEU A 136 5.42 12.85 -3.63
N CYS A 137 4.56 13.88 -3.77
CA CYS A 137 3.35 13.74 -4.60
C CYS A 137 3.74 13.49 -6.07
N GLN A 138 4.81 14.15 -6.56
N GLN A 138 4.82 14.15 -6.55
CA GLN A 138 5.29 13.93 -7.92
CA GLN A 138 5.32 13.95 -7.91
C GLN A 138 5.79 12.49 -8.11
C GLN A 138 5.76 12.49 -8.09
N GLY A 139 6.43 11.95 -7.07
CA GLY A 139 6.89 10.55 -7.06
C GLY A 139 5.72 9.60 -7.16
N MET A 140 4.63 9.91 -6.42
CA MET A 140 3.43 9.12 -6.46
C MET A 140 2.78 9.19 -7.84
N HIS A 141 2.68 10.41 -8.41
CA HIS A 141 2.11 10.60 -9.73
C HIS A 141 2.86 9.76 -10.80
N GLN A 142 4.20 9.57 -10.65
CA GLN A 142 4.99 8.77 -11.58
C GLN A 142 4.56 7.29 -11.55
N ILE A 143 4.15 6.77 -10.37
CA ILE A 143 3.63 5.40 -10.33
C ILE A 143 2.28 5.34 -11.07
N SER A 144 1.38 6.32 -10.83
CA SER A 144 0.11 6.28 -11.51
C SER A 144 0.28 6.37 -13.04
N LEU A 145 1.31 7.11 -13.49
CA LEU A 145 1.61 7.19 -14.92
C LEU A 145 2.06 5.84 -15.48
N GLN A 146 2.75 5.02 -14.66
CA GLN A 146 3.12 3.68 -15.09
C GLN A 146 1.86 2.80 -15.26
N PHE A 147 0.82 3.02 -14.43
CA PHE A 147 -0.42 2.25 -14.60
C PHE A 147 -1.03 2.54 -15.96
N VAL A 148 -0.98 3.82 -16.41
CA VAL A 148 -1.49 4.21 -17.73
C VAL A 148 -0.63 3.56 -18.84
N ARG A 149 0.70 3.65 -18.71
CA ARG A 149 1.60 3.06 -19.72
C ARG A 149 1.32 1.56 -19.88
N LEU A 150 1.10 0.85 -18.76
CA LEU A 150 0.90 -0.59 -18.82
C LEU A 150 -0.51 -1.00 -19.09
N GLN A 151 -1.47 -0.06 -18.91
CA GLN A 151 -2.90 -0.33 -18.96
C GLN A 151 -3.16 -1.48 -17.94
N LEU A 152 -2.73 -1.23 -16.69
CA LEU A 152 -2.86 -2.20 -15.60
C LEU A 152 -4.30 -2.60 -15.44
N THR A 153 -4.55 -3.89 -15.29
CA THR A 153 -5.91 -4.38 -15.12
C THR A 153 -6.25 -4.53 -13.65
N PHE A 154 -7.56 -4.58 -13.33
CA PHE A 154 -7.97 -4.76 -11.93
C PHE A 154 -7.51 -6.09 -11.36
N GLU A 155 -7.53 -7.16 -12.16
CA GLU A 155 -7.06 -8.48 -11.71
C GLU A 155 -5.57 -8.36 -11.35
N GLU A 156 -4.76 -7.74 -12.23
CA GLU A 156 -3.33 -7.59 -11.93
C GLU A 156 -3.13 -6.77 -10.66
N TYR A 157 -3.84 -5.64 -10.57
CA TYR A 157 -3.75 -4.78 -9.40
C TYR A 157 -4.04 -5.56 -8.11
N THR A 158 -5.13 -6.34 -8.07
CA THR A 158 -5.47 -7.03 -6.84
C THR A 158 -4.40 -8.04 -6.42
N ILE A 159 -3.79 -8.76 -7.38
CA ILE A 159 -2.76 -9.74 -6.98
C ILE A 159 -1.52 -8.99 -6.50
N MET A 160 -1.16 -7.90 -7.23
CA MET A 160 0.01 -7.12 -6.84
C MET A 160 -0.15 -6.52 -5.47
N LYS A 161 -1.37 -6.09 -5.09
CA LYS A 161 -1.55 -5.51 -3.74
C LYS A 161 -1.29 -6.59 -2.67
N VAL A 162 -1.70 -7.87 -2.92
CA VAL A 162 -1.39 -8.95 -1.95
C VAL A 162 0.12 -9.12 -1.88
N LEU A 163 0.81 -9.05 -3.05
CA LEU A 163 2.26 -9.18 -3.01
C LEU A 163 2.91 -8.06 -2.22
N LEU A 164 2.33 -6.83 -2.24
CA LEU A 164 2.88 -5.75 -1.43
C LEU A 164 2.69 -6.02 0.07
N LEU A 165 1.55 -6.60 0.48
CA LEU A 165 1.34 -6.98 1.89
C LEU A 165 2.46 -7.97 2.33
N LEU A 166 2.99 -8.74 1.37
CA LEU A 166 3.99 -9.78 1.65
C LEU A 166 5.41 -9.36 1.19
N SER A 167 5.67 -8.04 1.08
N SER A 167 5.67 -8.04 1.08
CA SER A 167 6.95 -7.61 0.54
CA SER A 167 6.95 -7.60 0.53
C SER A 167 8.00 -7.16 1.53
C SER A 167 7.96 -7.02 1.50
N THR A 168 7.65 -6.96 2.80
CA THR A 168 8.60 -6.44 3.79
C THR A 168 8.49 -7.32 5.04
N ILE A 169 9.61 -7.89 5.48
CA ILE A 169 9.58 -8.79 6.64
C ILE A 169 10.72 -8.44 7.60
N PRO A 170 10.73 -8.99 8.81
CA PRO A 170 11.89 -8.75 9.71
C PRO A 170 13.17 -9.32 9.12
N LYS A 171 14.28 -8.65 9.40
CA LYS A 171 15.62 -9.06 8.97
C LYS A 171 15.91 -10.50 9.39
N ASP A 172 15.50 -10.90 10.61
CA ASP A 172 15.72 -12.28 11.08
C ASP A 172 14.52 -13.22 10.79
N GLY A 173 13.60 -12.76 9.95
CA GLY A 173 12.46 -13.56 9.50
C GLY A 173 11.26 -13.55 10.43
N LEU A 174 10.18 -14.13 9.95
CA LEU A 174 8.92 -14.21 10.69
C LEU A 174 8.89 -15.41 11.63
N LYS A 175 7.87 -15.46 12.50
CA LYS A 175 7.69 -16.61 13.43
C LYS A 175 7.47 -17.90 12.65
N SER A 176 6.66 -17.84 11.58
CA SER A 176 6.35 -18.97 10.72
C SER A 176 6.81 -18.60 9.30
N GLN A 177 8.15 -18.55 9.12
CA GLN A 177 8.73 -18.16 7.83
C GLN A 177 8.27 -19.07 6.68
N ALA A 178 8.26 -20.41 6.87
CA ALA A 178 7.85 -21.28 5.77
C ALA A 178 6.39 -21.07 5.37
N ALA A 179 5.49 -20.81 6.33
CA ALA A 179 4.08 -20.56 6.01
C ALA A 179 3.96 -19.27 5.19
N PHE A 180 4.71 -18.23 5.59
CA PHE A 180 4.74 -16.98 4.83
C PHE A 180 5.24 -17.25 3.38
N GLU A 181 6.37 -17.96 3.24
CA GLU A 181 6.94 -18.23 1.92
C GLU A 181 5.97 -18.98 1.02
N GLU A 182 5.22 -19.94 1.59
CA GLU A 182 4.21 -20.67 0.81
C GLU A 182 3.14 -19.71 0.29
N MET A 183 2.65 -18.81 1.14
CA MET A 183 1.64 -17.85 0.69
C MET A 183 2.18 -16.93 -0.42
N ARG A 184 3.35 -16.33 -0.21
N ARG A 184 3.38 -16.36 -0.20
CA ARG A 184 3.92 -15.42 -1.20
CA ARG A 184 4.02 -15.46 -1.16
C ARG A 184 4.18 -16.15 -2.54
C ARG A 184 4.17 -16.17 -2.51
N THR A 185 4.77 -17.37 -2.48
CA THR A 185 5.04 -18.17 -3.70
C THR A 185 3.76 -18.44 -4.45
N ASN A 186 2.68 -18.76 -3.73
CA ASN A 186 1.43 -19.05 -4.40
C ASN A 186 0.80 -17.83 -5.06
N TYR A 187 0.94 -16.61 -4.47
CA TYR A 187 0.42 -15.42 -5.11
C TYR A 187 1.31 -15.03 -6.30
N ILE A 188 2.62 -15.35 -6.25
CA ILE A 188 3.50 -15.11 -7.40
C ILE A 188 3.05 -15.99 -8.58
N LYS A 189 2.73 -17.25 -8.27
CA LYS A 189 2.22 -18.20 -9.27
C LYS A 189 0.92 -17.67 -9.89
N GLU A 190 0.02 -17.08 -9.05
CA GLU A 190 -1.20 -16.47 -9.55
C GLU A 190 -0.91 -15.30 -10.49
N LEU A 191 0.10 -14.47 -10.19
CA LEU A 191 0.46 -13.34 -11.06
C LEU A 191 0.97 -13.88 -12.39
N ARG A 192 1.83 -14.93 -12.35
CA ARG A 192 2.37 -15.53 -13.58
C ARG A 192 1.25 -16.15 -14.44
N LYS A 193 0.28 -16.83 -13.81
CA LYS A 193 -0.89 -17.44 -14.50
C LYS A 193 -1.76 -16.37 -15.17
N MET A 194 -2.00 -15.24 -14.46
CA MET A 194 -2.79 -14.11 -14.91
C MET A 194 -2.16 -13.48 -16.16
N VAL A 195 -0.81 -13.32 -16.18
CA VAL A 195 -0.13 -12.76 -17.35
C VAL A 195 -0.02 -13.82 -18.49
N THR A 196 -0.08 -15.14 -18.17
CA THR A 196 -0.03 -16.23 -19.17
C THR A 196 -1.34 -16.22 -19.95
N LYS A 197 -2.47 -16.09 -19.24
CA LYS A 197 -3.80 -15.98 -19.82
C LYS A 197 -3.95 -14.62 -20.52
N SER A 198 -3.41 -13.53 -19.91
CA SER A 198 -3.52 -12.19 -20.46
C SER A 198 -2.18 -11.42 -20.47
N PRO A 199 -1.38 -11.52 -21.56
CA PRO A 199 -0.10 -10.77 -21.61
C PRO A 199 -0.32 -9.27 -21.81
N ASN A 200 -1.56 -8.88 -22.18
CA ASN A 200 -2.03 -7.51 -22.38
C ASN A 200 -1.16 -6.70 -23.39
N ASN A 201 -0.90 -5.38 -23.15
CA ASN A 201 -0.15 -4.56 -24.12
C ASN A 201 1.39 -4.75 -24.12
N SER A 202 1.91 -5.65 -23.27
CA SER A 202 3.35 -5.89 -23.18
C SER A 202 3.87 -6.90 -24.22
N GLY A 203 2.95 -7.50 -24.98
CA GLY A 203 3.25 -8.46 -26.02
C GLY A 203 3.15 -9.90 -25.53
N GLN A 204 4.29 -10.44 -25.05
CA GLN A 204 4.41 -11.82 -24.57
C GLN A 204 4.19 -11.89 -23.07
N SER A 205 3.82 -13.10 -22.57
CA SER A 205 3.57 -13.29 -21.15
C SER A 205 4.77 -12.98 -20.30
N TRP A 206 5.98 -13.45 -20.66
CA TRP A 206 7.16 -13.12 -19.84
C TRP A 206 7.42 -11.62 -19.78
N GLN A 207 7.19 -10.90 -20.89
CA GLN A 207 7.43 -9.47 -20.95
C GLN A 207 6.52 -8.77 -19.96
N ARG A 208 5.23 -9.16 -19.92
CA ARG A 208 4.28 -8.55 -18.98
C ARG A 208 4.71 -8.81 -17.56
N PHE A 209 5.07 -10.07 -17.26
CA PHE A 209 5.46 -10.47 -15.93
C PHE A 209 6.59 -9.60 -15.38
N TYR A 210 7.67 -9.40 -16.17
CA TYR A 210 8.79 -8.59 -15.69
C TYR A 210 8.46 -7.12 -15.60
N GLN A 211 7.53 -6.61 -16.42
CA GLN A 211 7.11 -5.19 -16.23
C GLN A 211 6.40 -5.07 -14.87
N LEU A 212 5.58 -6.07 -14.49
CA LEU A 212 4.84 -6.01 -13.21
C LEU A 212 5.74 -6.17 -12.01
N THR A 213 6.73 -7.10 -12.09
CA THR A 213 7.63 -7.26 -10.98
C THR A 213 8.57 -6.05 -10.83
N LYS A 214 8.97 -5.42 -11.94
CA LYS A 214 9.79 -4.20 -11.90
C LYS A 214 8.96 -3.09 -11.20
N LEU A 215 7.67 -3.01 -11.52
CA LEU A 215 6.81 -1.98 -10.89
C LEU A 215 6.68 -2.26 -9.38
N LEU A 216 6.46 -3.53 -8.99
CA LEU A 216 6.37 -3.86 -7.57
C LEU A 216 7.67 -3.47 -6.85
N ASP A 217 8.83 -3.85 -7.40
CA ASP A 217 10.09 -3.50 -6.77
C ASP A 217 10.27 -1.99 -6.63
N SER A 218 9.83 -1.19 -7.60
CA SER A 218 9.97 0.28 -7.56
C SER A 218 9.19 0.91 -6.40
N MET A 219 8.20 0.19 -5.87
CA MET A 219 7.41 0.73 -4.75
C MET A 219 8.29 0.89 -3.51
N HIS A 220 9.29 0.00 -3.29
CA HIS A 220 10.09 0.10 -2.05
C HIS A 220 10.76 1.47 -1.91
N ASP A 221 11.37 1.99 -2.99
CA ASP A 221 12.05 3.29 -2.86
C ASP A 221 11.10 4.45 -2.59
N LEU A 222 9.93 4.45 -3.27
CA LEU A 222 8.95 5.51 -3.06
C LEU A 222 8.40 5.42 -1.63
N VAL A 223 8.09 4.22 -1.18
CA VAL A 223 7.53 4.07 0.17
C VAL A 223 8.55 4.46 1.24
N SER A 224 9.84 4.12 1.04
CA SER A 224 10.90 4.52 1.97
C SER A 224 10.89 6.05 2.11
N ASP A 225 10.73 6.79 0.99
CA ASP A 225 10.70 8.25 1.01
C ASP A 225 9.45 8.78 1.72
N LEU A 226 8.30 8.16 1.46
CA LEU A 226 7.03 8.54 2.11
C LEU A 226 7.14 8.32 3.62
N LEU A 227 7.67 7.15 4.02
CA LEU A 227 7.85 6.85 5.46
C LEU A 227 8.82 7.81 6.13
N GLU A 228 9.91 8.19 5.45
CA GLU A 228 10.84 9.14 6.05
C GLU A 228 10.14 10.45 6.44
N PHE A 229 9.23 10.94 5.56
CA PHE A 229 8.52 12.17 5.89
C PHE A 229 7.47 11.95 6.94
N CYS A 230 6.79 10.80 6.89
CA CYS A 230 5.75 10.47 7.87
C CYS A 230 6.38 10.36 9.26
N PHE A 231 7.53 9.67 9.35
CA PHE A 231 8.24 9.55 10.64
C PHE A 231 8.70 10.89 11.15
N TYR A 232 9.12 11.78 10.24
CA TYR A 232 9.55 13.13 10.63
C TYR A 232 8.37 13.92 11.24
N THR A 233 7.22 13.95 10.57
CA THR A 233 6.07 14.72 11.10
C THR A 233 5.53 14.07 12.39
N PHE A 234 5.64 12.73 12.48
CA PHE A 234 5.17 12.03 13.68
C PHE A 234 6.01 12.39 14.89
N ARG A 235 7.34 12.47 14.71
CA ARG A 235 8.24 12.72 15.83
C ARG A 235 8.42 14.18 16.19
N GLU A 236 8.23 15.05 15.24
CA GLU A 236 8.53 16.41 15.55
C GLU A 236 7.28 17.23 15.81
N SER A 237 6.10 16.59 15.71
CA SER A 237 4.79 17.24 15.90
C SER A 237 4.17 17.36 17.32
N LYS A 241 1.37 20.60 14.95
CA LYS A 241 -0.04 20.66 14.57
C LYS A 241 -0.47 19.56 13.56
N VAL A 242 0.39 18.57 13.29
CA VAL A 242 -0.02 17.49 12.37
C VAL A 242 -0.62 16.42 13.27
N GLU A 243 -1.90 16.10 13.06
CA GLU A 243 -2.60 15.14 13.92
C GLU A 243 -2.57 13.75 13.33
N PHE A 244 -2.47 12.75 14.20
CA PHE A 244 -2.50 11.35 13.79
C PHE A 244 -3.63 10.62 14.51
N PRO A 245 -4.40 9.78 13.80
CA PRO A 245 -5.45 8.99 14.49
C PRO A 245 -4.82 7.82 15.25
N ALA A 246 -5.55 7.28 16.24
CA ALA A 246 -5.04 6.21 17.09
C ALA A 246 -4.48 5.03 16.28
N MET A 247 -5.14 4.65 15.18
CA MET A 247 -4.67 3.55 14.33
C MET A 247 -3.22 3.78 13.86
N LEU A 248 -2.92 4.99 13.38
CA LEU A 248 -1.58 5.30 12.89
C LEU A 248 -0.61 5.50 14.02
N VAL A 249 -1.07 6.05 15.17
CA VAL A 249 -0.12 6.21 16.27
C VAL A 249 0.43 4.82 16.67
N GLU A 250 -0.46 3.83 16.74
CA GLU A 250 -0.07 2.49 17.16
C GLU A 250 0.84 1.88 16.11
N ILE A 251 0.45 1.95 14.81
CA ILE A 251 1.30 1.32 13.78
C ILE A 251 2.67 1.98 13.71
N ILE A 252 2.71 3.33 13.65
CA ILE A 252 3.97 4.05 13.52
C ILE A 252 4.85 3.88 14.75
N SER A 253 4.27 3.93 15.96
CA SER A 253 5.09 3.78 17.15
C SER A 253 5.86 2.46 17.16
N ASP A 254 5.27 1.39 16.60
CA ASP A 254 5.91 0.06 16.55
C ASP A 254 6.87 -0.04 15.36
N GLN A 255 6.44 0.48 14.21
CA GLN A 255 7.21 0.40 12.96
C GLN A 255 8.45 1.29 12.93
N LEU A 256 8.32 2.56 13.37
CA LEU A 256 9.42 3.55 13.30
C LEU A 256 10.75 3.03 13.89
N PRO A 257 10.79 2.51 15.15
CA PRO A 257 12.07 2.00 15.70
C PRO A 257 12.62 0.81 14.91
N LYS A 258 11.75 -0.03 14.35
CA LYS A 258 12.17 -1.20 13.56
C LYS A 258 12.78 -0.78 12.24
N VAL A 259 12.13 0.16 11.52
CA VAL A 259 12.63 0.64 10.23
C VAL A 259 13.95 1.37 10.42
N GLU A 260 14.01 2.30 11.38
CA GLU A 260 15.24 3.08 11.60
C GLU A 260 16.43 2.24 12.11
N SER A 261 16.18 1.12 12.82
CA SER A 261 17.27 0.27 13.33
C SER A 261 17.72 -0.80 12.30
N GLY A 262 17.16 -0.71 11.09
CA GLY A 262 17.47 -1.63 9.99
C GLY A 262 16.85 -3.01 10.09
N ASN A 263 15.75 -3.17 10.87
CA ASN A 263 15.10 -4.47 11.02
C ASN A 263 14.09 -4.80 9.88
N ALA A 264 13.65 -3.80 9.10
CA ALA A 264 12.69 -4.04 8.02
C ALA A 264 13.37 -4.39 6.71
N LYS A 265 13.28 -5.67 6.30
CA LYS A 265 13.89 -6.23 5.11
C LYS A 265 12.95 -6.22 3.89
N PRO A 266 13.19 -5.32 2.93
CA PRO A 266 12.37 -5.32 1.71
C PRO A 266 12.74 -6.52 0.84
N LEU A 267 11.72 -7.19 0.34
CA LEU A 267 11.91 -8.33 -0.55
C LEU A 267 11.76 -7.82 -1.96
N TYR A 268 12.79 -8.05 -2.75
CA TYR A 268 12.81 -7.65 -4.14
C TYR A 268 12.71 -8.85 -5.02
N PHE A 269 12.00 -8.70 -6.13
CA PHE A 269 12.03 -9.76 -7.15
C PHE A 269 13.38 -9.75 -7.83
N HIS A 270 13.93 -8.54 -8.07
CA HIS A 270 15.17 -8.37 -8.84
C HIS A 270 16.06 -7.46 -8.08
N ARG A 271 17.06 -8.01 -7.43
CA ARG A 271 17.96 -7.21 -6.59
C ARG A 271 18.66 -6.08 -7.34
N LYS A 272 18.75 -4.92 -6.67
CA LYS A 272 19.40 -3.70 -7.20
C LYS A 272 20.89 -3.93 -7.43
N LYS B 6 -4.16 -4.88 25.08
CA LYS B 6 -4.41 -5.42 23.74
C LYS B 6 -4.52 -4.29 22.72
N SER B 7 -3.62 -4.28 21.73
CA SER B 7 -3.54 -3.27 20.68
C SER B 7 -4.76 -3.23 19.75
N LEU B 8 -4.96 -2.10 19.02
CA LEU B 8 -6.05 -1.95 18.07
C LEU B 8 -5.96 -2.98 16.97
N LEU B 9 -4.73 -3.25 16.47
CA LEU B 9 -4.56 -4.29 15.44
C LEU B 9 -4.89 -5.66 15.97
N GLN B 10 -4.43 -5.98 17.20
CA GLN B 10 -4.73 -7.28 17.82
C GLN B 10 -6.23 -7.43 17.98
N GLN B 11 -6.90 -6.35 18.48
CA GLN B 11 -8.36 -6.34 18.63
C GLN B 11 -9.07 -6.62 17.32
N LEU B 12 -8.69 -5.91 16.24
CA LEU B 12 -9.32 -6.06 14.93
C LEU B 12 -9.08 -7.42 14.28
N LEU B 13 -7.86 -7.96 14.40
CA LEU B 13 -7.51 -9.24 13.80
C LEU B 13 -8.12 -10.44 14.51
N THR B 14 -8.45 -10.31 15.81
CA THR B 14 -8.96 -11.43 16.59
C THR B 14 -10.48 -11.39 16.82
N GLU B 15 -11.14 -10.24 16.57
CA GLU B 15 -12.59 -10.14 16.76
C GLU B 15 -13.39 -11.02 15.79
C1 GOL C . -7.37 -0.60 -0.52
O1 GOL C . -7.43 -2.01 -0.37
C2 GOL C . -6.64 0.03 0.65
O2 GOL C . -5.24 -0.23 0.53
C3 GOL C . -6.90 1.51 0.68
O3 GOL C . -8.23 1.78 1.10
C1 GOL D . -1.04 15.14 -9.61
O1 GOL D . -2.13 15.45 -8.75
C2 GOL D . -1.06 16.00 -10.85
O2 GOL D . -1.84 17.18 -10.61
C3 GOL D . 0.34 16.38 -11.26
O3 GOL D . 0.31 17.28 -12.37
C1 GOL E . 9.65 -1.51 2.22
O1 GOL E . 8.65 -1.00 1.34
C2 GOL E . 10.49 -0.40 2.79
O2 GOL E . 10.74 0.59 1.78
C3 GOL E . 9.74 0.22 3.96
O3 GOL E . 10.22 -0.29 5.19
C1 EWN F . -3.39 9.25 2.62
C2 EWN F . -3.43 7.83 2.04
C3 EWN F . -4.69 7.66 1.22
C8 EWN F . 0.59 8.73 0.00
C9 EWN F . 1.09 9.46 -1.07
C10 EWN F . 1.21 10.82 -0.88
C11 EWN F . 0.85 11.45 0.29
C12 EWN F . 0.36 10.71 1.34
C13 EWN F . 0.24 9.34 1.18
C15 EWN F . -0.05 8.69 3.60
C19 EWN F . 3.26 10.44 4.10
C20 EWN F . 2.93 11.26 5.17
C21 EWN F . 1.67 11.23 5.72
C22 EWN F . 0.69 10.41 5.20
N23 EWN F . 1.37 12.03 6.85
C24 EWN F . 2.22 12.99 7.30
C4 EWN F . -2.27 7.55 1.10
C5 EWN F . -0.95 7.30 1.81
C6 EWN F . 0.04 6.58 0.92
O7 EWN F . 0.42 7.38 -0.22
N14 EWN F . -0.26 8.52 2.24
O16 EWN F . -0.68 8.02 4.43
C17 EWN F . 1.01 9.60 4.11
C18 EWN F . 2.27 9.62 3.57
O25 EWN F . 2.01 13.63 8.31
C26 EWN F . 3.44 13.21 6.45
O27 EWN F . 3.92 12.03 5.77
F28 EWN F . 1.70 11.58 -1.89
#